data_8Q6H
#
_entry.id   8Q6H
#
_cell.length_a   58.839
_cell.length_b   67.845
_cell.length_c   107.033
_cell.angle_alpha   90.00
_cell.angle_beta   90.00
_cell.angle_gamma   90.00
#
_symmetry.space_group_name_H-M   'P 21 21 21'
#
loop_
_entity.id
_entity.type
_entity.pdbx_description
1 polymer 'Phosphatidylinositol 4-kinase beta'
2 non-polymer 'MAGNESIUM ION'
3 non-polymer 3-(3-fluorosulfonyloxy-4-methoxy-phenyl)-7-[(4-fluorosulfonyloxyphenyl)methylamino]-2,5-dimethyl-pyrazolo[1,5-a]pyrimidine
4 non-polymer 1,2-ETHANEDIOL
5 water water
#
_entity_poly.entity_id   1
_entity_poly.type   'polypeptide(L)'
_entity_poly.pdbx_seq_one_letter_code
;GRTASNPKVENEDEPVRLAPEREFIKSLMAIGKRLATLPTKEQKTQRLISELSLLNHKLPARVWLPTAGFDHHVVRVPHT
QAVVLNSKDKAPYLIYVEVLECENFDTTSVPARIPENRIQSTQSVETAFKRDPEDPSAVALKEPWQEKVRRIREGSPYGH
LPNWRLLSVIVKCGDDLRQELLAFQVLKQLQSIWEQERVPLWIKPYKILVISADSGMIEPVVNAVSIHQVKKQSQLSLLD
YFLQEHGSYTTEAFLSAQRNFVQSCAGYCLVCYLLQVKDRHNGNILLDAEGHIIHIDFGFILSSSPRNLGFETSAFKLTT
EFVDVMGGLDGDMFNYYKMLMLQGLIAARKHMDKVVQIVEIMQQGSQLPCFHGSSTIRNLKERFHMSMTEEQLQLLVEQM
VDGSMRSITTKLYDGFQYLTNGIM
;
_entity_poly.pdbx_strand_id   A
#
# COMPACT_ATOMS: atom_id res chain seq x y z
N GLU A 14 -6.71 6.18 37.35
CA GLU A 14 -7.17 4.89 36.76
C GLU A 14 -6.19 4.45 35.67
N PRO A 15 -5.73 3.18 35.71
CA PRO A 15 -4.81 2.66 34.69
C PRO A 15 -5.51 2.23 33.40
N VAL A 16 -4.77 2.23 32.29
CA VAL A 16 -5.31 1.85 30.99
C VAL A 16 -5.69 0.36 31.02
N ARG A 17 -7.00 0.07 30.91
CA ARG A 17 -7.51 -1.28 30.94
C ARG A 17 -7.58 -1.88 29.53
N LEU A 18 -7.31 -3.19 29.43
CA LEU A 18 -7.14 -3.83 28.14
C LEU A 18 -8.43 -4.50 27.66
N ALA A 19 -9.29 -4.92 28.59
CA ALA A 19 -10.55 -5.57 28.22
C ALA A 19 -11.41 -4.69 27.30
N PRO A 20 -11.54 -3.36 27.55
CA PRO A 20 -12.35 -2.51 26.66
C PRO A 20 -11.83 -2.56 25.23
N GLU A 21 -10.50 -2.44 25.09
CA GLU A 21 -9.87 -2.49 23.78
C GLU A 21 -10.11 -3.85 23.11
N ARG A 22 -9.87 -4.94 23.84
N ARG A 22 -9.91 -4.95 23.84
CA ARG A 22 -10.14 -6.29 23.37
CA ARG A 22 -10.13 -6.28 23.31
C ARG A 22 -11.54 -6.38 22.77
C ARG A 22 -11.55 -6.40 22.77
N GLU A 23 -12.52 -5.92 23.54
CA GLU A 23 -13.92 -6.07 23.20
C GLU A 23 -14.24 -5.19 22.01
N PHE A 24 -13.59 -4.02 21.91
CA PHE A 24 -13.75 -3.14 20.76
C PHE A 24 -13.25 -3.86 19.49
N ILE A 25 -12.01 -4.35 19.50
CA ILE A 25 -11.44 -5.00 18.35
C ILE A 25 -12.30 -6.21 17.97
N LYS A 26 -12.75 -6.96 18.97
CA LYS A 26 -13.52 -8.17 18.73
C LYS A 26 -14.92 -7.86 18.20
N SER A 27 -15.48 -6.70 18.57
N SER A 27 -15.49 -6.70 18.57
CA SER A 27 -16.75 -6.25 18.02
CA SER A 27 -16.77 -6.28 18.00
C SER A 27 -16.65 -6.02 16.52
C SER A 27 -16.65 -6.03 16.50
N LEU A 28 -15.53 -5.44 16.05
CA LEU A 28 -15.36 -5.20 14.63
C LEU A 28 -15.27 -6.54 13.90
N MET A 29 -14.63 -7.53 14.53
CA MET A 29 -14.52 -8.86 13.94
C MET A 29 -15.88 -9.54 13.93
N ALA A 30 -16.65 -9.39 15.02
CA ALA A 30 -17.93 -10.08 15.13
C ALA A 30 -18.89 -9.58 14.05
N ILE A 31 -18.80 -8.28 13.74
CA ILE A 31 -19.64 -7.66 12.72
C ILE A 31 -19.44 -8.36 11.40
N GLY A 32 -18.19 -8.67 11.05
CA GLY A 32 -17.87 -9.36 9.81
C GLY A 32 -18.47 -10.76 9.76
N LYS A 33 -18.48 -11.47 10.89
CA LYS A 33 -19.06 -12.80 10.91
C LYS A 33 -20.56 -12.74 10.57
N ARG A 34 -21.24 -11.65 10.96
CA ARG A 34 -22.68 -11.58 10.73
C ARG A 34 -22.93 -11.13 9.29
N LEU A 35 -22.02 -10.33 8.72
CA LEU A 35 -22.07 -9.97 7.31
C LEU A 35 -21.93 -11.22 6.45
N ALA A 36 -21.06 -12.13 6.88
CA ALA A 36 -20.75 -13.35 6.13
C ALA A 36 -21.98 -14.23 5.93
N THR A 37 -23.03 -14.03 6.72
CA THR A 37 -24.24 -14.86 6.63
C THR A 37 -25.12 -14.40 5.48
N LEU A 38 -24.80 -13.25 4.86
CA LEU A 38 -25.63 -12.66 3.83
C LEU A 38 -24.98 -12.87 2.47
N PRO A 39 -25.76 -13.22 1.41
CA PRO A 39 -25.20 -13.47 0.08
C PRO A 39 -24.72 -12.25 -0.71
N THR A 40 -25.43 -11.12 -0.62
CA THR A 40 -25.18 -9.98 -1.49
C THR A 40 -24.65 -8.77 -0.72
N LYS A 41 -23.83 -7.96 -1.41
CA LYS A 41 -23.32 -6.69 -0.90
C LYS A 41 -24.45 -5.79 -0.38
N GLU A 42 -25.52 -5.67 -1.17
CA GLU A 42 -26.64 -4.81 -0.80
C GLU A 42 -27.06 -5.16 0.63
N GLN A 43 -27.28 -6.45 0.87
CA GLN A 43 -27.76 -6.94 2.15
C GLN A 43 -26.71 -6.74 3.25
N LYS A 44 -25.45 -7.05 2.94
CA LYS A 44 -24.34 -6.88 3.86
C LYS A 44 -24.23 -5.40 4.25
N THR A 45 -24.44 -4.52 3.27
CA THR A 45 -24.31 -3.09 3.48
C THR A 45 -25.37 -2.63 4.48
N GLN A 46 -26.60 -3.10 4.29
CA GLN A 46 -27.72 -2.74 5.15
C GLN A 46 -27.47 -3.25 6.57
N ARG A 47 -26.95 -4.47 6.68
CA ARG A 47 -26.65 -5.06 7.96
C ARG A 47 -25.56 -4.25 8.66
N LEU A 48 -24.56 -3.78 7.88
CA LEU A 48 -23.40 -3.10 8.44
C LEU A 48 -23.82 -1.78 9.08
N ILE A 49 -24.80 -1.11 8.48
CA ILE A 49 -25.31 0.15 8.98
C ILE A 49 -25.93 -0.06 10.37
N SER A 50 -26.74 -1.11 10.50
CA SER A 50 -27.36 -1.45 11.78
C SER A 50 -26.26 -1.75 12.80
N GLU A 51 -25.25 -2.52 12.36
CA GLU A 51 -24.21 -2.95 13.29
C GLU A 51 -23.44 -1.75 13.83
N LEU A 52 -23.12 -0.78 12.98
CA LEU A 52 -22.31 0.34 13.40
C LEU A 52 -23.12 1.28 14.31
N SER A 53 -24.43 1.38 14.07
CA SER A 53 -25.32 2.10 14.96
C SER A 53 -25.21 1.59 16.39
N LEU A 54 -25.28 0.25 16.56
CA LEU A 54 -25.09 -0.42 17.83
C LEU A 54 -23.76 -0.04 18.49
N LEU A 55 -22.71 -0.07 17.69
CA LEU A 55 -21.38 0.22 18.18
C LEU A 55 -21.35 1.57 18.90
N ASN A 56 -22.05 2.57 18.36
CA ASN A 56 -22.02 3.93 18.88
C ASN A 56 -22.74 4.08 20.23
N HIS A 57 -23.57 3.09 20.59
CA HIS A 57 -24.18 3.08 21.91
C HIS A 57 -23.09 3.11 22.99
N LYS A 58 -21.92 2.56 22.65
CA LYS A 58 -20.87 2.29 23.63
C LYS A 58 -19.76 3.34 23.53
N LEU A 59 -19.96 4.36 22.67
CA LEU A 59 -18.95 5.36 22.40
C LEU A 59 -19.41 6.74 22.85
N PRO A 60 -18.51 7.67 23.20
CA PRO A 60 -17.07 7.40 23.37
C PRO A 60 -16.69 6.39 24.45
N ALA A 61 -15.51 5.76 24.29
CA ALA A 61 -14.99 4.84 25.28
C ALA A 61 -13.47 4.97 25.38
N ARG A 62 -12.87 4.33 26.41
CA ARG A 62 -11.42 4.24 26.53
C ARG A 62 -10.92 3.10 25.62
N VAL A 63 -11.01 3.34 24.32
CA VAL A 63 -10.62 2.41 23.27
C VAL A 63 -9.97 3.20 22.15
N TRP A 64 -9.22 2.48 21.31
CA TRP A 64 -8.41 3.10 20.26
C TRP A 64 -8.30 2.19 19.04
N LEU A 65 -8.09 2.83 17.87
CA LEU A 65 -7.64 2.14 16.68
C LEU A 65 -6.12 2.03 16.73
N PRO A 66 -5.54 0.81 16.85
CA PRO A 66 -4.09 0.68 16.96
C PRO A 66 -3.34 1.23 15.74
N THR A 67 -4.02 1.36 14.58
CA THR A 67 -3.44 1.86 13.36
C THR A 67 -3.29 3.39 13.34
N ALA A 68 -3.81 4.11 14.34
CA ALA A 68 -3.73 5.57 14.33
C ALA A 68 -2.28 6.06 14.34
N GLY A 69 -1.47 5.49 15.23
CA GLY A 69 -0.11 5.95 15.45
C GLY A 69 0.00 7.29 16.21
N PHE A 70 -1.11 7.71 16.85
CA PHE A 70 -1.10 8.82 17.79
C PHE A 70 -2.16 8.50 18.85
N ASP A 71 -1.92 8.95 20.09
CA ASP A 71 -2.83 8.75 21.20
C ASP A 71 -4.14 9.50 20.94
N HIS A 72 -5.26 8.86 21.33
CA HIS A 72 -6.61 9.29 20.99
C HIS A 72 -7.62 8.33 21.62
N HIS A 73 -8.90 8.75 21.64
CA HIS A 73 -10.01 7.88 21.99
C HIS A 73 -11.00 7.86 20.82
N VAL A 74 -11.67 6.73 20.63
CA VAL A 74 -12.71 6.61 19.62
C VAL A 74 -14.00 7.24 20.16
N VAL A 75 -14.59 8.15 19.37
CA VAL A 75 -15.78 8.87 19.81
C VAL A 75 -17.01 8.47 18.98
N ARG A 76 -16.83 8.05 17.73
CA ARG A 76 -17.96 7.84 16.84
C ARG A 76 -17.55 7.03 15.61
N VAL A 77 -18.46 6.18 15.13
CA VAL A 77 -18.30 5.48 13.87
C VAL A 77 -19.48 5.81 12.97
N PRO A 78 -19.39 6.82 12.08
CA PRO A 78 -20.55 7.25 11.29
C PRO A 78 -21.15 6.08 10.50
N HIS A 79 -22.31 5.61 10.97
CA HIS A 79 -22.84 4.31 10.59
C HIS A 79 -23.23 4.27 9.11
N THR A 80 -23.50 5.43 8.47
CA THR A 80 -23.98 5.45 7.09
C THR A 80 -22.83 5.45 6.08
N GLN A 81 -21.59 5.65 6.54
CA GLN A 81 -20.48 5.95 5.65
C GLN A 81 -19.62 4.73 5.33
N ALA A 82 -19.93 3.59 5.94
CA ALA A 82 -19.14 2.39 5.78
C ALA A 82 -19.43 1.76 4.41
N VAL A 83 -18.60 0.77 4.04
CA VAL A 83 -18.61 0.20 2.70
C VAL A 83 -18.24 -1.27 2.82
N VAL A 84 -19.08 -2.16 2.29
CA VAL A 84 -18.73 -3.54 2.03
C VAL A 84 -18.06 -3.61 0.66
N LEU A 85 -17.01 -4.44 0.52
CA LEU A 85 -16.10 -4.30 -0.60
C LEU A 85 -16.26 -5.43 -1.64
N ASN A 86 -16.93 -6.54 -1.31
CA ASN A 86 -17.33 -7.48 -2.34
C ASN A 86 -18.41 -8.43 -1.79
N SER A 87 -18.78 -9.44 -2.58
CA SER A 87 -19.88 -10.35 -2.25
C SER A 87 -19.36 -11.70 -1.77
N LYS A 88 -18.06 -11.75 -1.42
CA LYS A 88 -17.42 -12.99 -0.97
C LYS A 88 -18.01 -13.45 0.36
N ASP A 89 -17.82 -14.73 0.68
CA ASP A 89 -18.36 -15.32 1.89
C ASP A 89 -17.73 -14.65 3.10
N LYS A 90 -16.41 -14.45 3.09
CA LYS A 90 -15.74 -13.62 4.06
C LYS A 90 -15.37 -12.29 3.40
N ALA A 91 -16.36 -11.39 3.30
CA ALA A 91 -16.19 -10.13 2.60
C ALA A 91 -15.71 -9.05 3.55
N PRO A 92 -14.62 -8.34 3.22
CA PRO A 92 -14.14 -7.24 4.05
C PRO A 92 -15.03 -6.02 3.96
N TYR A 93 -14.88 -5.13 4.95
CA TYR A 93 -15.63 -3.90 4.96
C TYR A 93 -14.75 -2.78 5.46
N LEU A 94 -15.04 -1.58 4.94
CA LEU A 94 -14.28 -0.38 5.25
C LEU A 94 -15.09 0.52 6.16
N ILE A 95 -14.50 0.94 7.26
CA ILE A 95 -15.16 1.87 8.17
C ILE A 95 -14.31 3.11 8.34
N TYR A 96 -15.02 4.21 8.60
CA TYR A 96 -14.43 5.47 8.97
C TYR A 96 -14.69 5.61 10.47
N VAL A 97 -13.69 6.10 11.21
CA VAL A 97 -13.72 6.12 12.65
C VAL A 97 -13.26 7.49 13.12
N GLU A 98 -14.13 8.17 13.87
CA GLU A 98 -13.86 9.49 14.41
C GLU A 98 -13.15 9.35 15.74
N VAL A 99 -12.05 10.08 15.91
CA VAL A 99 -11.27 10.06 17.14
C VAL A 99 -10.95 11.49 17.56
N LEU A 100 -10.64 11.66 18.85
CA LEU A 100 -10.11 12.91 19.35
C LEU A 100 -8.71 12.65 19.86
N GLU A 101 -7.73 13.34 19.26
CA GLU A 101 -6.35 13.19 19.64
C GLU A 101 -6.14 13.77 21.03
N CYS A 102 -5.29 13.11 21.81
CA CYS A 102 -4.78 13.68 23.06
C CYS A 102 -3.27 13.52 23.09
N GLU A 103 -2.60 14.27 23.97
CA GLU A 103 -1.17 14.11 24.16
C GLU A 103 -0.93 12.85 24.98
N ASN A 104 -1.38 12.89 26.24
CA ASN A 104 -1.10 11.85 27.21
C ASN A 104 -2.34 11.00 27.39
N PHE A 105 -2.28 9.74 26.95
CA PHE A 105 -3.42 8.85 26.97
C PHE A 105 -3.65 8.29 28.38
N ASP A 106 -2.56 7.97 29.09
CA ASP A 106 -2.70 7.35 30.41
C ASP A 106 -3.27 8.35 31.41
N THR A 107 -3.17 9.67 31.12
CA THR A 107 -3.65 10.70 32.04
C THR A 107 -4.87 11.46 31.48
N THR A 108 -5.10 11.42 30.16
CA THR A 108 -6.29 12.02 29.58
C THR A 108 -7.51 11.17 29.94
N SER A 109 -8.58 11.84 30.40
CA SER A 109 -9.86 11.19 30.61
C SER A 109 -10.62 11.11 29.29
N VAL A 110 -11.55 10.15 29.23
CA VAL A 110 -12.33 9.85 28.05
C VAL A 110 -13.21 11.07 27.73
N PRO A 111 -13.28 11.51 26.46
CA PRO A 111 -14.12 12.64 26.10
C PRO A 111 -15.58 12.43 26.50
N ALA A 112 -16.24 13.53 26.88
CA ALA A 112 -17.67 13.49 27.14
C ALA A 112 -18.39 13.25 25.83
N ARG A 113 -19.44 12.42 25.86
CA ARG A 113 -20.39 12.27 24.76
C ARG A 113 -21.08 13.60 24.46
N ILE A 114 -21.29 13.86 23.17
CA ILE A 114 -22.12 14.95 22.67
C ILE A 114 -23.28 14.33 21.90
N PRO A 115 -24.56 14.60 22.30
CA PRO A 115 -25.73 14.06 21.60
C PRO A 115 -25.80 14.34 20.10
N GLU A 116 -26.45 13.42 19.38
CA GLU A 116 -26.75 13.58 17.97
C GLU A 116 -27.85 14.64 17.80
N GLU A 143 -15.31 10.26 -5.49
CA GLU A 143 -15.57 10.44 -4.04
C GLU A 143 -14.22 10.54 -3.31
N PRO A 144 -13.51 11.69 -3.42
CA PRO A 144 -12.24 11.88 -2.71
C PRO A 144 -12.39 11.75 -1.19
N TRP A 145 -11.32 11.26 -0.58
CA TRP A 145 -11.11 11.38 0.86
C TRP A 145 -11.57 12.74 1.37
N GLN A 146 -11.14 13.81 0.70
CA GLN A 146 -11.39 15.17 1.14
C GLN A 146 -12.89 15.42 1.27
N GLU A 147 -13.65 14.85 0.34
CA GLU A 147 -15.09 15.03 0.32
C GLU A 147 -15.68 14.28 1.51
N LYS A 148 -15.22 13.05 1.75
CA LYS A 148 -15.70 12.21 2.83
C LYS A 148 -15.38 12.87 4.18
N VAL A 149 -14.19 13.47 4.29
CA VAL A 149 -13.81 14.11 5.54
C VAL A 149 -14.74 15.29 5.78
N ARG A 150 -15.05 16.03 4.71
CA ARG A 150 -15.94 17.18 4.79
C ARG A 150 -17.34 16.77 5.26
N ARG A 151 -17.94 15.77 4.60
CA ARG A 151 -19.33 15.42 4.87
C ARG A 151 -19.47 14.81 6.25
N ILE A 152 -18.45 14.05 6.70
CA ILE A 152 -18.56 13.44 8.02
C ILE A 152 -18.40 14.51 9.09
N ARG A 153 -17.39 15.37 8.93
CA ARG A 153 -17.14 16.44 9.88
C ARG A 153 -18.41 17.26 10.08
N GLU A 154 -19.15 17.57 9.00
CA GLU A 154 -20.29 18.46 9.11
C GLU A 154 -21.46 17.75 9.79
N GLY A 155 -21.60 16.43 9.59
CA GLY A 155 -22.67 15.66 10.21
C GLY A 155 -22.37 15.24 11.64
N SER A 156 -21.12 15.42 12.10
CA SER A 156 -20.72 14.83 13.37
C SER A 156 -20.83 15.83 14.51
N PRO A 157 -21.38 15.42 15.66
CA PRO A 157 -21.43 16.28 16.83
C PRO A 157 -20.05 16.65 17.37
N TYR A 158 -19.01 15.90 16.95
CA TYR A 158 -17.65 16.11 17.44
C TYR A 158 -16.80 16.87 16.43
N GLY A 159 -17.38 17.12 15.24
CA GLY A 159 -16.66 17.58 14.07
C GLY A 159 -16.07 18.98 14.26
N HIS A 160 -16.59 19.72 15.24
CA HIS A 160 -16.18 21.09 15.47
C HIS A 160 -14.93 21.15 16.34
N LEU A 161 -14.54 20.00 16.94
CA LEU A 161 -13.43 19.98 17.88
C LEU A 161 -12.09 20.05 17.14
N PRO A 162 -11.12 20.86 17.62
CA PRO A 162 -9.83 21.03 16.95
C PRO A 162 -8.99 19.75 16.96
N ASN A 163 -9.26 18.85 17.90
CA ASN A 163 -8.50 17.62 18.04
C ASN A 163 -9.24 16.45 17.37
N TRP A 164 -10.29 16.76 16.61
CA TRP A 164 -11.04 15.76 15.85
C TRP A 164 -10.24 15.27 14.65
N ARG A 165 -10.19 13.94 14.47
CA ARG A 165 -9.51 13.34 13.35
C ARG A 165 -10.33 12.16 12.85
N LEU A 166 -10.30 11.97 11.53
CA LEU A 166 -10.99 10.87 10.90
C LEU A 166 -9.94 9.87 10.44
N LEU A 167 -10.12 8.62 10.86
CA LEU A 167 -9.27 7.50 10.44
C LEU A 167 -10.13 6.51 9.67
N SER A 168 -9.46 5.56 9.01
CA SER A 168 -10.11 4.52 8.25
C SER A 168 -9.41 3.19 8.52
N VAL A 169 -10.18 2.10 8.47
CA VAL A 169 -9.62 0.76 8.48
C VAL A 169 -10.51 -0.15 7.64
N ILE A 170 -9.86 -1.15 7.02
CA ILE A 170 -10.56 -2.24 6.39
C ILE A 170 -10.44 -3.42 7.33
N VAL A 171 -11.59 -3.96 7.70
CA VAL A 171 -11.66 -5.09 8.61
C VAL A 171 -11.82 -6.35 7.76
N LYS A 172 -10.89 -7.29 7.91
CA LYS A 172 -10.92 -8.54 7.16
C LYS A 172 -10.95 -9.70 8.17
N CYS A 173 -12.16 -10.21 8.45
CA CYS A 173 -12.38 -11.16 9.52
C CYS A 173 -12.21 -12.59 9.02
N GLY A 174 -11.78 -12.78 7.76
CA GLY A 174 -11.54 -14.12 7.25
C GLY A 174 -10.40 -14.15 6.22
N ASP A 175 -9.35 -13.38 6.46
CA ASP A 175 -8.16 -13.39 5.62
C ASP A 175 -6.92 -13.33 6.51
N ASP A 176 -5.90 -14.12 6.15
CA ASP A 176 -4.61 -14.12 6.79
C ASP A 176 -3.78 -12.96 6.25
N LEU A 177 -3.37 -12.05 7.12
CA LEU A 177 -2.65 -10.85 6.72
C LEU A 177 -1.18 -10.90 7.15
N ARG A 178 -0.67 -12.06 7.54
CA ARG A 178 0.71 -12.15 8.01
C ARG A 178 1.72 -11.88 6.91
N GLN A 179 1.40 -12.26 5.66
CA GLN A 179 2.24 -11.91 4.52
C GLN A 179 2.24 -10.40 4.28
N GLU A 180 1.05 -9.79 4.32
CA GLU A 180 0.94 -8.34 4.20
C GLU A 180 1.77 -7.68 5.30
N LEU A 181 1.77 -8.27 6.50
CA LEU A 181 2.49 -7.72 7.63
C LEU A 181 3.99 -7.80 7.38
N LEU A 182 4.42 -8.96 6.85
CA LEU A 182 5.81 -9.11 6.47
C LEU A 182 6.20 -7.99 5.50
N ALA A 183 5.40 -7.81 4.45
CA ALA A 183 5.67 -6.79 3.45
C ALA A 183 5.80 -5.42 4.13
N PHE A 184 4.83 -5.12 5.01
CA PHE A 184 4.80 -3.85 5.71
C PHE A 184 6.14 -3.64 6.42
N GLN A 185 6.63 -4.67 7.12
CA GLN A 185 7.87 -4.60 7.88
C GLN A 185 9.09 -4.37 6.97
N VAL A 186 9.11 -5.08 5.83
CA VAL A 186 10.19 -4.94 4.87
C VAL A 186 10.16 -3.53 4.29
N LEU A 187 8.97 -3.05 3.93
CA LEU A 187 8.84 -1.73 3.32
C LEU A 187 9.35 -0.67 4.29
N LYS A 188 8.94 -0.75 5.56
CA LYS A 188 9.42 0.19 6.56
C LYS A 188 10.96 0.16 6.63
N GLN A 189 11.55 -1.03 6.58
CA GLN A 189 13.00 -1.17 6.70
C GLN A 189 13.72 -0.53 5.50
N LEU A 190 13.19 -0.76 4.30
CA LEU A 190 13.79 -0.21 3.08
C LEU A 190 13.72 1.31 3.12
N GLN A 191 12.58 1.83 3.58
CA GLN A 191 12.37 3.26 3.72
C GLN A 191 13.43 3.83 4.64
N SER A 192 13.67 3.15 5.76
CA SER A 192 14.67 3.57 6.73
C SER A 192 16.06 3.50 6.11
N ILE A 193 16.32 2.46 5.32
CA ILE A 193 17.61 2.29 4.68
C ILE A 193 17.86 3.43 3.70
N TRP A 194 16.87 3.72 2.85
CA TRP A 194 17.01 4.72 1.82
C TRP A 194 17.18 6.10 2.44
N GLU A 195 16.53 6.34 3.59
CA GLU A 195 16.67 7.60 4.32
C GLU A 195 18.07 7.71 4.89
N GLN A 196 18.50 6.64 5.58
CA GLN A 196 19.84 6.55 6.13
C GLN A 196 20.89 6.87 5.07
N GLU A 197 20.72 6.34 3.85
CA GLU A 197 21.70 6.49 2.79
C GLU A 197 21.41 7.68 1.87
N ARG A 198 20.40 8.51 2.17
CA ARG A 198 20.08 9.74 1.44
C ARG A 198 19.73 9.46 -0.03
N VAL A 199 18.94 8.40 -0.25
CA VAL A 199 18.46 8.05 -1.57
C VAL A 199 17.00 8.46 -1.59
N PRO A 200 16.61 9.42 -2.45
CA PRO A 200 15.23 9.94 -2.47
C PRO A 200 14.17 9.06 -3.13
N LEU A 201 14.27 7.74 -2.97
CA LEU A 201 13.19 6.85 -3.34
C LEU A 201 12.00 7.09 -2.42
N TRP A 202 10.79 6.86 -2.95
CA TRP A 202 9.56 7.09 -2.20
C TRP A 202 8.66 5.86 -2.27
N ILE A 203 8.24 5.36 -1.10
CA ILE A 203 7.19 4.37 -1.01
C ILE A 203 6.21 4.77 0.10
N LYS A 204 5.07 4.07 0.15
CA LYS A 204 4.04 4.29 1.15
C LYS A 204 3.66 2.96 1.78
N PRO A 205 4.37 2.53 2.83
CA PRO A 205 3.95 1.34 3.60
C PRO A 205 2.59 1.65 4.22
N TYR A 206 1.68 0.67 4.25
CA TYR A 206 0.37 0.86 4.85
C TYR A 206 0.21 -0.12 6.01
N LYS A 207 -0.36 0.37 7.11
CA LYS A 207 -0.34 -0.36 8.37
C LYS A 207 -1.22 -1.61 8.30
N ILE A 208 -0.71 -2.68 8.94
CA ILE A 208 -1.37 -3.98 9.03
C ILE A 208 -1.48 -4.38 10.49
N LEU A 209 -2.66 -4.86 10.91
CA LEU A 209 -2.83 -5.56 12.18
C LEU A 209 -3.17 -7.01 11.92
N VAL A 210 -2.37 -7.93 12.47
CA VAL A 210 -2.74 -9.34 12.49
C VAL A 210 -3.46 -9.61 13.79
N ILE A 211 -4.73 -10.03 13.66
CA ILE A 211 -5.53 -10.42 14.80
C ILE A 211 -5.33 -11.93 15.01
N SER A 212 -6.14 -12.75 14.37
CA SER A 212 -5.96 -14.19 14.42
C SER A 212 -5.15 -14.64 13.22
N ALA A 213 -5.02 -15.96 13.07
CA ALA A 213 -4.33 -16.57 11.95
C ALA A 213 -5.02 -16.17 10.65
N ASP A 214 -6.35 -16.04 10.65
CA ASP A 214 -7.05 -15.71 9.44
C ASP A 214 -7.95 -14.50 9.66
N SER A 215 -7.45 -13.49 10.38
CA SER A 215 -8.17 -12.22 10.49
C SER A 215 -7.21 -11.06 10.76
N GLY A 216 -7.63 -9.85 10.36
CA GLY A 216 -6.82 -8.68 10.57
C GLY A 216 -7.44 -7.42 9.98
N MET A 217 -6.68 -6.31 10.11
CA MET A 217 -7.12 -4.98 9.74
C MET A 217 -6.02 -4.27 8.97
N ILE A 218 -6.43 -3.37 8.06
CA ILE A 218 -5.55 -2.60 7.21
C ILE A 218 -5.98 -1.13 7.22
N GLU A 219 -5.02 -0.23 7.45
CA GLU A 219 -5.26 1.18 7.19
C GLU A 219 -5.06 1.40 5.70
N PRO A 220 -6.13 1.71 4.91
CA PRO A 220 -5.97 1.93 3.48
C PRO A 220 -5.26 3.25 3.23
N VAL A 221 -4.66 3.35 2.05
CA VAL A 221 -4.09 4.59 1.57
C VAL A 221 -5.24 5.39 0.99
N VAL A 222 -5.52 6.55 1.59
CA VAL A 222 -6.80 7.19 1.34
C VAL A 222 -6.67 8.27 0.27
N ASN A 223 -5.51 8.91 0.16
CA ASN A 223 -5.40 10.12 -0.65
C ASN A 223 -5.05 9.78 -2.10
N ALA A 224 -5.52 8.64 -2.61
CA ALA A 224 -5.10 8.13 -3.91
C ALA A 224 -6.15 7.20 -4.52
N VAL A 225 -6.15 7.14 -5.86
CA VAL A 225 -7.10 6.38 -6.66
C VAL A 225 -6.31 5.41 -7.53
N SER A 226 -6.90 4.25 -7.86
CA SER A 226 -6.26 3.27 -8.72
C SER A 226 -6.06 3.85 -10.12
N ILE A 227 -4.99 3.40 -10.78
CA ILE A 227 -4.68 3.85 -12.13
C ILE A 227 -5.87 3.50 -13.03
N HIS A 228 -6.44 2.31 -12.81
CA HIS A 228 -7.59 1.87 -13.59
C HIS A 228 -8.63 2.98 -13.57
N GLN A 229 -8.99 3.45 -12.38
CA GLN A 229 -10.06 4.42 -12.22
C GLN A 229 -9.64 5.78 -12.75
N VAL A 230 -8.37 6.16 -12.58
CA VAL A 230 -7.90 7.45 -13.08
C VAL A 230 -8.10 7.49 -14.60
N LYS A 231 -7.74 6.39 -15.26
CA LYS A 231 -7.82 6.30 -16.71
C LYS A 231 -9.28 6.24 -17.14
N LYS A 232 -10.06 5.41 -16.44
CA LYS A 232 -11.45 5.17 -16.79
C LYS A 232 -12.25 6.48 -16.73
N GLN A 233 -12.03 7.28 -15.69
CA GLN A 233 -12.79 8.51 -15.50
C GLN A 233 -12.32 9.59 -16.47
N SER A 234 -11.01 9.81 -16.53
CA SER A 234 -10.44 10.93 -17.28
C SER A 234 -10.44 10.63 -18.78
N GLN A 235 -10.38 9.34 -19.13
CA GLN A 235 -10.21 8.88 -20.50
C GLN A 235 -8.93 9.47 -21.11
N LEU A 236 -7.94 9.76 -20.27
CA LEU A 236 -6.68 10.34 -20.72
C LEU A 236 -5.57 9.30 -20.51
N SER A 237 -4.48 9.46 -21.26
CA SER A 237 -3.23 8.81 -20.91
C SER A 237 -2.72 9.43 -19.60
N LEU A 238 -1.83 8.72 -18.92
CA LEU A 238 -1.22 9.24 -17.71
C LEU A 238 -0.49 10.54 -18.00
N LEU A 239 0.24 10.61 -19.12
CA LEU A 239 0.95 11.84 -19.44
C LEU A 239 -0.06 12.98 -19.55
N ASP A 240 -1.15 12.73 -20.30
CA ASP A 240 -2.11 13.78 -20.56
C ASP A 240 -2.76 14.21 -19.24
N TYR A 241 -3.04 13.22 -18.41
CA TYR A 241 -3.61 13.48 -17.10
C TYR A 241 -2.70 14.39 -16.29
N PHE A 242 -1.39 14.13 -16.27
CA PHE A 242 -0.46 14.95 -15.51
C PHE A 242 -0.45 16.38 -16.09
N LEU A 243 -0.50 16.47 -17.42
CA LEU A 243 -0.45 17.78 -18.05
C LEU A 243 -1.68 18.61 -17.69
N GLN A 244 -2.84 17.93 -17.60
CA GLN A 244 -4.09 18.61 -17.26
C GLN A 244 -4.15 18.87 -15.76
N GLU A 245 -3.80 17.85 -14.97
CA GLU A 245 -4.04 17.88 -13.54
C GLU A 245 -3.00 18.75 -12.85
N HIS A 246 -1.74 18.69 -13.28
CA HIS A 246 -0.67 19.40 -12.58
C HIS A 246 -0.27 20.66 -13.33
N GLY A 247 -0.04 20.52 -14.63
CA GLY A 247 0.35 21.65 -15.47
C GLY A 247 1.14 21.21 -16.69
N SER A 248 1.48 22.20 -17.52
CA SER A 248 2.22 21.95 -18.75
C SER A 248 3.71 21.76 -18.45
N TYR A 249 4.45 21.36 -19.49
CA TYR A 249 5.84 20.94 -19.38
C TYR A 249 6.69 21.96 -18.60
N THR A 250 6.44 23.25 -18.80
CA THR A 250 7.28 24.29 -18.23
C THR A 250 6.82 24.70 -16.83
N THR A 251 5.90 23.94 -16.21
CA THR A 251 5.42 24.32 -14.89
C THR A 251 6.15 23.52 -13.81
N GLU A 252 6.45 24.24 -12.71
CA GLU A 252 6.95 23.65 -11.47
C GLU A 252 6.09 22.46 -11.07
N ALA A 253 4.77 22.59 -11.20
CA ALA A 253 3.83 21.57 -10.78
C ALA A 253 4.03 20.29 -11.59
N PHE A 254 4.22 20.42 -12.91
CA PHE A 254 4.47 19.25 -13.73
C PHE A 254 5.79 18.59 -13.34
N LEU A 255 6.84 19.39 -13.23
CA LEU A 255 8.17 18.88 -12.90
C LEU A 255 8.14 18.17 -11.55
N SER A 256 7.46 18.76 -10.57
N SER A 256 7.45 18.79 -10.58
CA SER A 256 7.37 18.16 -9.24
CA SER A 256 7.32 18.22 -9.25
C SER A 256 6.64 16.82 -9.30
C SER A 256 6.63 16.86 -9.29
N ALA A 257 5.54 16.76 -10.07
CA ALA A 257 4.73 15.55 -10.12
C ALA A 257 5.50 14.42 -10.81
N GLN A 258 6.23 14.83 -11.85
CA GLN A 258 7.08 13.94 -12.59
C GLN A 258 8.17 13.36 -11.69
N ARG A 259 8.75 14.20 -10.86
CA ARG A 259 9.80 13.78 -9.96
C ARG A 259 9.27 12.75 -8.97
N ASN A 260 8.07 13.02 -8.44
CA ASN A 260 7.43 12.14 -7.47
C ASN A 260 7.11 10.80 -8.14
N PHE A 261 6.59 10.86 -9.36
CA PHE A 261 6.29 9.64 -10.10
C PHE A 261 7.54 8.79 -10.25
N VAL A 262 8.64 9.42 -10.68
CA VAL A 262 9.89 8.70 -10.91
C VAL A 262 10.42 8.09 -9.61
N GLN A 263 10.38 8.88 -8.51
CA GLN A 263 10.95 8.45 -7.25
C GLN A 263 10.13 7.30 -6.67
N SER A 264 8.81 7.34 -6.90
CA SER A 264 7.93 6.28 -6.42
C SER A 264 8.05 5.05 -7.32
N CYS A 265 8.11 5.23 -8.65
CA CYS A 265 8.32 4.12 -9.57
C CYS A 265 9.59 3.36 -9.22
N ALA A 266 10.66 4.10 -8.94
CA ALA A 266 11.95 3.48 -8.64
C ALA A 266 11.85 2.70 -7.34
N GLY A 267 11.23 3.31 -6.31
CA GLY A 267 11.05 2.65 -5.04
C GLY A 267 10.29 1.34 -5.17
N TYR A 268 9.19 1.36 -5.95
CA TYR A 268 8.33 0.18 -6.07
C TYR A 268 8.93 -0.84 -7.03
N CYS A 269 9.76 -0.37 -7.96
CA CYS A 269 10.50 -1.31 -8.79
C CYS A 269 11.41 -2.17 -7.91
N LEU A 270 12.11 -1.54 -6.95
CA LEU A 270 13.00 -2.29 -6.07
C LEU A 270 12.21 -3.16 -5.09
N VAL A 271 11.05 -2.66 -4.65
CA VAL A 271 10.22 -3.43 -3.75
C VAL A 271 9.76 -4.70 -4.46
N CYS A 272 9.21 -4.52 -5.67
CA CYS A 272 8.67 -5.64 -6.42
C CYS A 272 9.75 -6.68 -6.72
N TYR A 273 10.98 -6.23 -6.99
CA TYR A 273 12.07 -7.13 -7.30
C TYR A 273 12.56 -7.84 -6.04
N LEU A 274 12.84 -7.09 -4.98
CA LEU A 274 13.42 -7.71 -3.81
C LEU A 274 12.41 -8.69 -3.20
N LEU A 275 11.13 -8.30 -3.07
CA LEU A 275 10.12 -9.16 -2.47
C LEU A 275 9.43 -10.10 -3.47
N GLN A 276 9.68 -9.92 -4.77
CA GLN A 276 9.06 -10.74 -5.80
C GLN A 276 7.54 -10.64 -5.68
N VAL A 277 7.06 -9.39 -5.60
CA VAL A 277 5.63 -9.12 -5.56
C VAL A 277 5.03 -9.44 -6.92
N LYS A 278 3.95 -10.23 -6.94
CA LYS A 278 3.35 -10.60 -8.21
C LYS A 278 2.00 -9.91 -8.37
N ASP A 279 1.36 -10.15 -9.52
CA ASP A 279 0.00 -9.73 -9.80
C ASP A 279 -0.11 -8.21 -9.80
N ARG A 280 0.70 -7.54 -10.61
CA ARG A 280 0.69 -6.08 -10.71
C ARG A 280 -0.19 -5.63 -11.88
N HIS A 281 -1.30 -4.95 -11.58
CA HIS A 281 -2.18 -4.43 -12.60
C HIS A 281 -2.71 -3.07 -12.15
N ASN A 282 -3.42 -2.40 -13.06
CA ASN A 282 -3.83 -1.01 -12.85
C ASN A 282 -4.87 -0.90 -11.74
N GLY A 283 -5.44 -2.03 -11.32
CA GLY A 283 -6.34 -2.07 -10.18
C GLY A 283 -5.60 -2.02 -8.83
N ASN A 284 -4.36 -2.50 -8.77
CA ASN A 284 -3.65 -2.45 -7.49
C ASN A 284 -2.39 -1.58 -7.60
N ILE A 285 -2.44 -0.57 -8.48
CA ILE A 285 -1.48 0.52 -8.41
C ILE A 285 -2.28 1.81 -8.26
N LEU A 286 -2.02 2.58 -7.20
CA LEU A 286 -2.78 3.81 -7.00
C LEU A 286 -1.92 5.00 -7.37
N LEU A 287 -2.58 6.14 -7.60
CA LEU A 287 -1.91 7.39 -7.91
C LEU A 287 -2.46 8.43 -6.93
N ASP A 288 -1.55 9.16 -6.28
CA ASP A 288 -1.94 10.17 -5.33
C ASP A 288 -1.88 11.54 -5.98
N ALA A 289 -2.31 12.57 -5.25
CA ALA A 289 -2.50 13.89 -5.82
C ALA A 289 -1.16 14.60 -6.08
N GLU A 290 -0.06 14.05 -5.58
N GLU A 290 -0.07 14.03 -5.56
CA GLU A 290 1.24 14.67 -5.76
CA GLU A 290 1.26 14.60 -5.69
C GLU A 290 2.01 14.00 -6.89
C GLU A 290 1.97 14.03 -6.91
N GLY A 291 1.46 12.92 -7.46
CA GLY A 291 2.06 12.25 -8.60
C GLY A 291 2.77 10.93 -8.30
N HIS A 292 2.81 10.52 -7.03
CA HIS A 292 3.40 9.24 -6.68
C HIS A 292 2.46 8.10 -7.07
N ILE A 293 3.05 6.94 -7.41
CA ILE A 293 2.33 5.67 -7.43
C ILE A 293 2.55 4.96 -6.08
N ILE A 294 1.55 4.14 -5.74
CA ILE A 294 1.55 3.32 -4.55
C ILE A 294 1.04 1.93 -4.93
N HIS A 295 1.91 0.93 -4.79
CA HIS A 295 1.50 -0.45 -4.99
C HIS A 295 0.81 -0.94 -3.73
N ILE A 296 -0.30 -1.66 -3.92
CA ILE A 296 -0.99 -2.34 -2.84
C ILE A 296 -1.22 -3.80 -3.17
N ASP A 297 -1.54 -4.56 -2.11
CA ASP A 297 -1.92 -5.96 -2.18
C ASP A 297 -0.72 -6.81 -2.55
N PHE A 298 0.07 -7.11 -1.52
CA PHE A 298 1.24 -7.96 -1.66
C PHE A 298 0.84 -9.40 -1.33
N GLY A 299 -0.22 -9.89 -1.96
CA GLY A 299 -0.66 -11.26 -1.73
C GLY A 299 0.44 -12.24 -2.10
N PHE A 300 0.81 -12.23 -3.39
CA PHE A 300 1.78 -13.15 -3.94
C PHE A 300 3.18 -12.52 -3.82
N ILE A 301 3.97 -12.97 -2.82
CA ILE A 301 5.33 -12.49 -2.62
C ILE A 301 6.28 -13.66 -2.41
N LEU A 302 7.56 -13.40 -2.67
CA LEU A 302 8.62 -14.37 -2.43
C LEU A 302 8.30 -15.66 -3.19
N SER A 303 8.10 -16.78 -2.49
CA SER A 303 7.86 -18.06 -3.14
C SER A 303 6.37 -18.38 -3.19
N SER A 304 5.51 -17.36 -3.37
CA SER A 304 4.07 -17.58 -3.45
C SER A 304 3.71 -18.23 -4.79
N SER A 305 2.82 -19.23 -4.71
CA SER A 305 2.38 -20.00 -5.87
C SER A 305 1.25 -19.25 -6.56
N PRO A 306 1.09 -19.32 -7.91
CA PRO A 306 1.99 -20.06 -8.79
C PRO A 306 3.21 -19.25 -9.20
N ARG A 307 4.29 -19.95 -9.57
CA ARG A 307 5.46 -19.33 -10.17
C ARG A 307 5.15 -19.03 -11.63
N ASN A 308 5.60 -17.87 -12.13
CA ASN A 308 5.41 -17.55 -13.53
C ASN A 308 6.46 -18.26 -14.38
N LEU A 309 6.07 -18.51 -15.63
CA LEU A 309 6.83 -19.37 -16.53
C LEU A 309 7.35 -18.57 -17.72
N GLY A 310 7.44 -17.23 -17.57
CA GLY A 310 7.75 -16.34 -18.66
C GLY A 310 9.10 -15.65 -18.50
N PHE A 311 9.94 -16.17 -17.60
CA PHE A 311 11.31 -15.69 -17.46
C PHE A 311 11.32 -14.20 -17.05
N GLU A 312 10.44 -13.80 -16.14
CA GLU A 312 10.40 -12.42 -15.70
C GLU A 312 11.35 -12.25 -14.52
N THR A 313 12.08 -11.14 -14.49
CA THR A 313 12.89 -10.79 -13.33
C THR A 313 11.96 -10.33 -12.22
N SER A 314 10.89 -9.63 -12.61
CA SER A 314 9.95 -9.05 -11.67
C SER A 314 8.57 -8.87 -12.33
N ALA A 315 7.54 -8.79 -11.50
CA ALA A 315 6.20 -8.54 -12.00
C ALA A 315 5.97 -7.03 -12.15
N PHE A 316 6.96 -6.23 -11.73
CA PHE A 316 6.94 -4.79 -11.98
C PHE A 316 7.24 -4.52 -13.46
N LYS A 317 6.24 -4.04 -14.20
CA LYS A 317 6.45 -3.80 -15.61
C LYS A 317 6.28 -2.31 -15.90
N LEU A 318 7.18 -1.80 -16.73
CA LEU A 318 7.28 -0.39 -17.05
C LEU A 318 6.68 -0.19 -18.44
N THR A 319 5.45 0.35 -18.49
CA THR A 319 4.66 0.44 -19.71
C THR A 319 5.01 1.70 -20.49
N THR A 320 4.54 1.75 -21.74
CA THR A 320 4.73 2.89 -22.61
C THR A 320 4.16 4.14 -21.94
N GLU A 321 3.00 3.97 -21.32
CA GLU A 321 2.30 5.06 -20.67
C GLU A 321 3.19 5.63 -19.56
N PHE A 322 3.77 4.74 -18.75
CA PHE A 322 4.67 5.13 -17.67
C PHE A 322 5.90 5.84 -18.24
N VAL A 323 6.55 5.21 -19.24
CA VAL A 323 7.75 5.77 -19.80
C VAL A 323 7.46 7.16 -20.38
N ASP A 324 6.27 7.34 -20.97
CA ASP A 324 5.91 8.62 -21.57
C ASP A 324 5.84 9.70 -20.49
N VAL A 325 5.33 9.34 -19.30
CA VAL A 325 5.31 10.28 -18.20
C VAL A 325 6.74 10.75 -17.90
N MET A 326 7.72 9.83 -17.99
CA MET A 326 9.11 10.13 -17.65
C MET A 326 9.86 10.81 -18.80
N GLY A 327 9.15 11.22 -19.85
CA GLY A 327 9.76 11.93 -20.95
C GLY A 327 10.41 11.01 -21.99
N GLY A 328 9.93 9.77 -22.09
CA GLY A 328 10.41 8.82 -23.08
C GLY A 328 11.77 8.20 -22.73
N LEU A 329 12.20 7.27 -23.61
CA LEU A 329 13.31 6.37 -23.36
C LEU A 329 14.64 7.09 -23.19
N ASP A 330 14.78 8.32 -23.70
CA ASP A 330 16.03 9.06 -23.54
C ASP A 330 15.77 10.38 -22.82
N GLY A 331 14.74 10.42 -21.98
CA GLY A 331 14.46 11.58 -21.16
C GLY A 331 15.41 11.68 -19.96
N ASP A 332 15.62 12.89 -19.47
CA ASP A 332 16.39 13.08 -18.25
C ASP A 332 15.71 12.35 -17.09
N MET A 333 14.38 12.37 -17.03
CA MET A 333 13.66 11.79 -15.90
C MET A 333 13.74 10.27 -15.92
N PHE A 334 13.79 9.66 -17.12
CA PHE A 334 14.03 8.24 -17.25
C PHE A 334 15.46 7.88 -16.81
N ASN A 335 16.43 8.74 -17.13
CA ASN A 335 17.80 8.49 -16.70
C ASN A 335 17.88 8.61 -15.18
N TYR A 336 17.11 9.54 -14.60
CA TYR A 336 17.04 9.73 -13.17
C TYR A 336 16.48 8.47 -12.51
N TYR A 337 15.39 7.94 -13.09
CA TYR A 337 14.79 6.68 -12.68
C TYR A 337 15.85 5.58 -12.57
N LYS A 338 16.73 5.43 -13.56
CA LYS A 338 17.72 4.36 -13.54
C LYS A 338 18.82 4.65 -12.52
N MET A 339 19.22 5.91 -12.38
CA MET A 339 20.14 6.28 -11.33
C MET A 339 19.58 5.92 -9.95
N LEU A 340 18.29 6.18 -9.72
CA LEU A 340 17.69 5.94 -8.41
C LEU A 340 17.62 4.44 -8.13
N MET A 341 17.37 3.66 -9.16
CA MET A 341 17.32 2.22 -9.00
C MET A 341 18.70 1.70 -8.59
N LEU A 342 19.75 2.28 -9.17
CA LEU A 342 21.11 1.86 -8.85
C LEU A 342 21.45 2.23 -7.41
N GLN A 343 21.19 3.49 -7.05
CA GLN A 343 21.56 3.95 -5.72
C GLN A 343 20.73 3.25 -4.66
N GLY A 344 19.44 3.05 -4.95
CA GLY A 344 18.55 2.30 -4.08
C GLY A 344 19.02 0.87 -3.85
N LEU A 345 19.51 0.20 -4.90
CA LEU A 345 19.99 -1.16 -4.77
C LEU A 345 21.34 -1.19 -4.05
N ILE A 346 22.19 -0.18 -4.29
CA ILE A 346 23.44 -0.05 -3.57
C ILE A 346 23.16 0.08 -2.08
N ALA A 347 22.19 0.92 -1.74
CA ALA A 347 21.80 1.14 -0.35
C ALA A 347 21.27 -0.14 0.30
N ALA A 348 20.35 -0.83 -0.41
CA ALA A 348 19.70 -1.99 0.13
C ALA A 348 20.71 -3.08 0.47
N ARG A 349 21.72 -3.27 -0.39
CA ARG A 349 22.61 -4.41 -0.18
C ARG A 349 23.63 -4.06 0.91
N LYS A 350 23.92 -2.77 1.07
CA LYS A 350 24.72 -2.27 2.16
C LYS A 350 24.08 -2.63 3.52
N HIS A 351 22.74 -2.74 3.55
CA HIS A 351 22.05 -3.07 4.80
C HIS A 351 21.21 -4.34 4.65
N MET A 352 21.65 -5.26 3.80
CA MET A 352 20.87 -6.44 3.45
C MET A 352 20.40 -7.22 4.68
N ASP A 353 21.26 -7.37 5.69
CA ASP A 353 20.96 -8.25 6.81
C ASP A 353 19.71 -7.76 7.56
N LYS A 354 19.54 -6.45 7.66
CA LYS A 354 18.37 -5.86 8.32
C LYS A 354 17.08 -6.32 7.63
N VAL A 355 17.10 -6.40 6.29
CA VAL A 355 15.93 -6.85 5.55
C VAL A 355 15.77 -8.36 5.75
N VAL A 356 16.85 -9.11 5.58
CA VAL A 356 16.79 -10.56 5.63
C VAL A 356 16.34 -11.04 7.01
N GLN A 357 16.81 -10.39 8.08
CA GLN A 357 16.42 -10.84 9.41
C GLN A 357 14.89 -10.82 9.56
N ILE A 358 14.26 -9.72 9.14
CA ILE A 358 12.82 -9.58 9.26
C ILE A 358 12.14 -10.81 8.66
N VAL A 359 12.65 -11.27 7.53
CA VAL A 359 11.98 -12.33 6.78
C VAL A 359 12.16 -13.67 7.50
N GLU A 360 13.36 -13.88 8.04
CA GLU A 360 13.70 -15.13 8.70
C GLU A 360 12.87 -15.27 9.98
N ILE A 361 12.79 -14.18 10.75
CA ILE A 361 11.97 -14.14 11.95
C ILE A 361 10.53 -14.54 11.62
N MET A 362 9.96 -13.97 10.56
CA MET A 362 8.60 -14.31 10.17
C MET A 362 8.53 -15.80 9.82
N GLN A 363 9.53 -16.32 9.08
CA GLN A 363 9.53 -17.70 8.62
C GLN A 363 9.63 -18.69 9.78
N GLN A 364 10.41 -18.34 10.80
CA GLN A 364 10.52 -19.15 12.01
C GLN A 364 9.16 -19.18 12.72
N GLY A 365 8.60 -17.98 12.95
CA GLY A 365 7.38 -17.80 13.71
C GLY A 365 6.14 -18.47 13.10
N SER A 366 6.12 -18.69 11.78
CA SER A 366 4.94 -19.25 11.12
C SER A 366 5.27 -19.79 9.73
N GLN A 367 4.47 -20.77 9.29
CA GLN A 367 4.66 -21.42 8.00
C GLN A 367 3.63 -20.92 7.00
N LEU A 368 3.97 -19.83 6.29
CA LEU A 368 3.06 -19.17 5.37
C LEU A 368 3.27 -19.69 3.95
N PRO A 369 2.30 -19.45 3.02
CA PRO A 369 2.45 -19.82 1.61
C PRO A 369 3.67 -19.24 0.88
N CYS A 370 4.14 -18.07 1.33
CA CYS A 370 5.22 -17.37 0.65
C CYS A 370 6.57 -18.04 0.94
N PHE A 371 6.63 -18.94 1.93
CA PHE A 371 7.87 -19.65 2.28
C PHE A 371 7.86 -21.07 1.69
N HIS A 372 9.07 -21.63 1.52
CA HIS A 372 9.25 -22.94 0.91
C HIS A 372 10.66 -23.45 1.25
N GLY A 373 10.92 -23.63 2.55
CA GLY A 373 12.22 -24.09 3.02
C GLY A 373 13.30 -23.03 2.87
N SER A 374 14.55 -23.51 2.73
CA SER A 374 15.74 -22.66 2.76
C SER A 374 15.83 -21.77 1.53
N SER A 375 15.22 -22.20 0.42
CA SER A 375 15.45 -21.57 -0.88
C SER A 375 14.88 -20.16 -0.92
N THR A 376 13.83 -19.90 -0.12
CA THR A 376 13.18 -18.59 -0.12
C THR A 376 14.19 -17.56 0.34
N ILE A 377 14.90 -17.86 1.44
CA ILE A 377 15.90 -16.93 1.97
C ILE A 377 17.08 -16.82 1.00
N ARG A 378 17.51 -17.97 0.47
CA ARG A 378 18.66 -18.03 -0.43
C ARG A 378 18.41 -17.11 -1.63
N ASN A 379 17.25 -17.32 -2.28
CA ASN A 379 16.86 -16.56 -3.45
C ASN A 379 16.78 -15.08 -3.11
N LEU A 380 16.31 -14.76 -1.90
CA LEU A 380 16.19 -13.37 -1.47
C LEU A 380 17.57 -12.74 -1.37
N LYS A 381 18.50 -13.44 -0.72
CA LYS A 381 19.85 -12.93 -0.51
C LYS A 381 20.53 -12.68 -1.85
N GLU A 382 20.33 -13.60 -2.80
CA GLU A 382 20.96 -13.51 -4.10
C GLU A 382 20.47 -12.27 -4.85
N ARG A 383 19.22 -11.84 -4.61
CA ARG A 383 18.69 -10.65 -5.26
C ARG A 383 19.33 -9.38 -4.71
N PHE A 384 20.23 -9.48 -3.71
CA PHE A 384 20.98 -8.32 -3.28
C PHE A 384 22.33 -8.21 -3.99
N HIS A 385 22.70 -9.23 -4.76
CA HIS A 385 23.88 -9.19 -5.62
C HIS A 385 25.15 -8.79 -4.85
N MET A 386 25.38 -9.41 -3.69
CA MET A 386 26.45 -8.99 -2.79
C MET A 386 27.82 -9.08 -3.46
N SER A 387 27.99 -9.99 -4.44
CA SER A 387 29.27 -10.24 -5.05
C SER A 387 29.60 -9.23 -6.16
N MET A 388 28.61 -8.44 -6.59
CA MET A 388 28.82 -7.55 -7.72
C MET A 388 29.55 -6.28 -7.28
N THR A 389 30.38 -5.74 -8.16
CA THR A 389 30.89 -4.39 -8.05
C THR A 389 29.81 -3.42 -8.50
N GLU A 390 30.00 -2.11 -8.29
CA GLU A 390 28.99 -1.12 -8.64
C GLU A 390 28.88 -0.95 -10.16
N GLU A 391 29.99 -1.16 -10.88
CA GLU A 391 29.95 -1.18 -12.33
C GLU A 391 29.04 -2.31 -12.84
N GLN A 392 29.16 -3.49 -12.21
CA GLN A 392 28.34 -4.63 -12.59
C GLN A 392 26.87 -4.40 -12.23
N LEU A 393 26.62 -3.81 -11.06
CA LEU A 393 25.28 -3.47 -10.63
C LEU A 393 24.61 -2.55 -11.65
N GLN A 394 25.36 -1.57 -12.16
CA GLN A 394 24.85 -0.62 -13.14
C GLN A 394 24.42 -1.35 -14.41
N LEU A 395 25.22 -2.33 -14.84
CA LEU A 395 24.91 -3.11 -16.03
C LEU A 395 23.68 -3.97 -15.76
N LEU A 396 23.58 -4.46 -14.53
CA LEU A 396 22.44 -5.25 -14.10
C LEU A 396 21.17 -4.41 -14.16
N VAL A 397 21.23 -3.17 -13.64
CA VAL A 397 20.08 -2.28 -13.63
C VAL A 397 19.64 -2.01 -15.06
N GLU A 398 20.59 -1.78 -15.99
CA GLU A 398 20.21 -1.57 -17.38
C GLU A 398 19.45 -2.78 -17.88
N GLN A 399 19.94 -3.98 -17.53
CA GLN A 399 19.32 -5.22 -17.97
C GLN A 399 17.91 -5.35 -17.40
N MET A 400 17.75 -5.11 -16.10
CA MET A 400 16.46 -5.23 -15.45
C MET A 400 15.47 -4.21 -16.00
N VAL A 401 15.91 -2.97 -16.18
CA VAL A 401 15.05 -1.92 -16.70
C VAL A 401 14.56 -2.33 -18.09
N ASP A 402 15.50 -2.74 -18.96
CA ASP A 402 15.16 -3.24 -20.28
C ASP A 402 14.16 -4.39 -20.17
N GLY A 403 14.43 -5.32 -19.25
CA GLY A 403 13.52 -6.43 -18.97
C GLY A 403 12.11 -5.95 -18.61
N SER A 404 11.99 -4.89 -17.79
CA SER A 404 10.70 -4.42 -17.33
C SER A 404 9.83 -3.87 -18.48
N MET A 405 10.46 -3.56 -19.62
CA MET A 405 9.79 -2.94 -20.76
C MET A 405 9.48 -3.95 -21.88
N ARG A 406 9.65 -5.25 -21.59
CA ARG A 406 9.50 -6.29 -22.61
C ARG A 406 8.13 -6.22 -23.28
N SER A 407 7.10 -5.86 -22.52
CA SER A 407 5.72 -5.91 -22.98
C SER A 407 5.40 -4.72 -23.90
N ILE A 408 6.25 -3.69 -23.90
CA ILE A 408 6.08 -2.57 -24.80
C ILE A 408 6.07 -3.10 -26.23
N THR A 409 5.17 -2.55 -27.06
CA THR A 409 4.88 -3.07 -28.39
C THR A 409 6.11 -2.98 -29.27
N THR A 410 6.79 -1.83 -29.21
CA THR A 410 8.07 -1.60 -29.87
C THR A 410 9.05 -2.75 -29.64
N LYS A 411 8.99 -3.38 -28.46
CA LYS A 411 9.95 -4.39 -28.06
C LYS A 411 9.75 -5.68 -28.87
N LEU A 412 8.50 -6.03 -29.22
CA LEU A 412 8.22 -7.13 -30.13
C LEU A 412 8.75 -6.82 -31.53
N TYR A 413 8.65 -5.54 -31.92
CA TYR A 413 9.02 -5.06 -33.24
C TYR A 413 10.52 -5.15 -33.43
N ASP A 414 11.28 -4.72 -32.41
CA ASP A 414 12.71 -4.42 -32.53
C ASP A 414 13.53 -5.35 -31.66
N GLY A 415 13.11 -6.61 -31.55
CA GLY A 415 13.85 -7.58 -30.76
C GLY A 415 14.37 -8.78 -31.55
N PHE A 416 14.15 -8.80 -32.88
CA PHE A 416 14.29 -10.02 -33.67
C PHE A 416 15.73 -10.48 -33.84
N GLN A 417 16.71 -9.62 -33.53
CA GLN A 417 18.10 -10.03 -33.63
C GLN A 417 18.41 -11.16 -32.64
N TYR A 418 17.60 -11.29 -31.57
CA TYR A 418 17.82 -12.32 -30.55
C TYR A 418 17.18 -13.64 -30.96
N LEU A 419 16.28 -13.61 -31.94
CA LEU A 419 15.50 -14.78 -32.32
C LEU A 419 15.82 -15.27 -33.73
N THR A 420 16.60 -14.52 -34.50
CA THR A 420 17.00 -14.93 -35.85
C THR A 420 18.47 -14.55 -36.11
N ASN A 421 19.02 -15.12 -37.18
CA ASN A 421 20.42 -14.89 -37.55
C ASN A 421 20.62 -13.50 -38.15
N GLY A 422 19.52 -12.77 -38.44
CA GLY A 422 19.62 -11.36 -38.78
C GLY A 422 20.17 -10.54 -37.62
N ILE A 423 20.93 -9.47 -37.94
CA ILE A 423 21.53 -8.61 -36.93
C ILE A 423 20.58 -7.47 -36.57
N MET A 424 19.42 -7.42 -37.23
CA MET A 424 18.34 -6.54 -36.80
C MET A 424 16.99 -7.24 -37.01
#